data_7O6N
#
_entry.id   7O6N
#
_cell.length_a   44.987
_cell.length_b   52.945
_cell.length_c   125.608
_cell.angle_alpha   90.000
_cell.angle_beta   90.000
_cell.angle_gamma   90.000
#
_symmetry.space_group_name_H-M   'P 21 21 21'
#
loop_
_entity.id
_entity.type
_entity.pdbx_description
1 polymer 'Enhancer of rudimentary homolog 2'
2 polymer 'Protein pid-3'
3 non-polymer 'FORMIC ACID'
4 water water
#
loop_
_entity_poly.entity_id
_entity_poly.type
_entity_poly.pdbx_seq_one_letter_code
_entity_poly.pdbx_strand_id
1 'polypeptide(L)'
;GPDSMSTSSHTVLLIQTSPRLDSRTWGDYESVTDALDALCKMFEDFLSKKSAAPVTYDVSQVYEFLDKLSDVSMMIFNRE
TGQYIGRTRAWIKQQVYEMMRGR
;
A,B
2 'polypeptide(L)' GPDSMWTFDKVLFNSEDIKDSVFKVLHAEEEPRGADQEN C,D
#
loop_
_chem_comp.id
_chem_comp.type
_chem_comp.name
_chem_comp.formula
FMT non-polymer 'FORMIC ACID' 'C H2 O2'
#
# COMPACT_ATOMS: atom_id res chain seq x y z
N THR A 7 3.06 -19.61 13.90
CA THR A 7 2.32 -19.86 12.67
C THR A 7 2.62 -18.81 11.61
N SER A 8 2.17 -19.05 10.39
CA SER A 8 2.33 -18.12 9.28
C SER A 8 1.10 -17.22 9.20
N SER A 9 1.34 -15.91 9.10
CA SER A 9 0.27 -14.92 9.09
C SER A 9 0.48 -13.96 7.93
N HIS A 10 -0.56 -13.76 7.13
CA HIS A 10 -0.47 -12.83 6.01
C HIS A 10 -0.08 -11.45 6.49
N THR A 11 0.97 -10.89 5.90
CA THR A 11 1.53 -9.62 6.33
C THR A 11 1.67 -8.69 5.14
N VAL A 12 1.16 -7.47 5.28
CA VAL A 12 1.32 -6.43 4.28
C VAL A 12 2.35 -5.43 4.79
N LEU A 13 3.41 -5.22 4.01
CA LEU A 13 4.48 -4.30 4.37
C LEU A 13 4.25 -3.00 3.60
N LEU A 14 4.03 -1.91 4.34
CA LEU A 14 3.79 -0.59 3.77
C LEU A 14 5.03 0.27 3.91
N ILE A 15 5.45 0.88 2.80
CA ILE A 15 6.68 1.67 2.76
C ILE A 15 6.42 2.97 2.00
N GLN A 16 6.91 4.08 2.55
CA GLN A 16 7.00 5.34 1.82
C GLN A 16 8.47 5.76 1.81
N THR A 17 9.09 5.74 0.63
CA THR A 17 10.53 5.91 0.54
C THR A 17 10.96 7.37 0.63
N SER A 18 10.12 8.30 0.16
CA SER A 18 10.44 9.72 0.13
C SER A 18 9.27 10.50 0.69
N PRO A 19 9.48 11.78 1.04
CA PRO A 19 8.35 12.61 1.49
C PRO A 19 7.21 12.70 0.49
N ARG A 20 7.45 12.38 -0.77
CA ARG A 20 6.39 12.42 -1.77
C ARG A 20 5.38 11.33 -1.50
N LEU A 21 4.09 11.67 -1.60
CA LEU A 21 3.04 10.70 -1.36
C LEU A 21 3.05 9.59 -2.42
N ASP A 22 3.47 9.91 -3.64
CA ASP A 22 3.51 8.90 -4.70
C ASP A 22 4.69 7.94 -4.58
N SER A 23 5.49 8.06 -3.53
CA SER A 23 6.52 7.07 -3.22
C SER A 23 5.99 5.97 -2.32
N ARG A 24 4.70 5.95 -2.06
CA ARG A 24 4.09 4.93 -1.21
C ARG A 24 3.88 3.66 -2.02
N THR A 25 4.51 2.58 -1.58
CA THR A 25 4.41 1.28 -2.24
C THR A 25 4.23 0.21 -1.19
N TRP A 26 3.89 -1.00 -1.62
CA TRP A 26 3.62 -2.06 -0.65
C TRP A 26 3.87 -3.42 -1.29
N GLY A 27 4.20 -4.37 -0.42
CA GLY A 27 4.20 -5.77 -0.80
C GLY A 27 3.69 -6.60 0.36
N ASP A 28 3.25 -7.81 0.04
CA ASP A 28 2.68 -8.70 1.04
C ASP A 28 3.44 -10.01 1.08
N TYR A 29 3.43 -10.65 2.25
CA TYR A 29 4.23 -11.84 2.50
C TYR A 29 3.38 -12.85 3.26
N GLU A 30 3.82 -14.11 3.20
CA GLU A 30 3.09 -15.19 3.86
C GLU A 30 3.26 -15.16 5.37
N SER A 31 4.32 -14.53 5.89
CA SER A 31 4.57 -14.52 7.32
C SER A 31 5.29 -13.23 7.70
N VAL A 32 5.24 -12.92 9.00
CA VAL A 32 5.97 -11.75 9.51
C VAL A 32 7.46 -11.92 9.26
N THR A 33 7.98 -13.14 9.42
CA THR A 33 9.40 -13.38 9.24
C THR A 33 9.85 -13.04 7.82
N ASP A 34 9.05 -13.40 6.82
CA ASP A 34 9.41 -13.07 5.45
C ASP A 34 9.43 -11.56 5.24
N ALA A 35 8.44 -10.84 5.77
CA ALA A 35 8.42 -9.40 5.61
C ALA A 35 9.60 -8.74 6.30
N LEU A 36 9.94 -9.23 7.50
CA LEU A 36 11.12 -8.71 8.20
C LEU A 36 12.39 -9.03 7.44
N ASP A 37 12.48 -10.23 6.87
CA ASP A 37 13.66 -10.60 6.08
C ASP A 37 13.82 -9.70 4.88
N ALA A 38 12.71 -9.32 4.24
CA ALA A 38 12.79 -8.46 3.06
C ALA A 38 13.42 -7.12 3.39
N LEU A 39 13.04 -6.55 4.54
CA LEU A 39 13.63 -5.26 4.95
C LEU A 39 15.13 -5.39 5.16
N CYS A 40 15.58 -6.51 5.72
CA CYS A 40 17.01 -6.74 5.88
C CYS A 40 17.69 -6.89 4.54
N LYS A 41 17.04 -7.57 3.59
CA LYS A 41 17.58 -7.62 2.23
C LYS A 41 17.77 -6.20 1.70
N MET A 42 16.80 -5.31 1.95
CA MET A 42 16.84 -3.94 1.47
C MET A 42 18.01 -3.16 2.06
N PHE A 43 18.23 -3.29 3.37
CA PHE A 43 19.34 -2.60 4.00
C PHE A 43 20.67 -3.05 3.43
N GLU A 44 20.83 -4.35 3.23
CA GLU A 44 22.07 -4.88 2.66
C GLU A 44 22.27 -4.39 1.24
N ASP A 45 21.20 -4.31 0.45
CA ASP A 45 21.32 -3.75 -0.90
C ASP A 45 21.73 -2.29 -0.86
N PHE A 46 21.13 -1.51 0.04
CA PHE A 46 21.47 -0.10 0.16
C PHE A 46 22.92 0.07 0.60
N LEU A 47 23.38 -0.77 1.53
CA LEU A 47 24.76 -0.67 1.98
C LEU A 47 25.75 -0.99 0.86
N SER A 48 25.37 -1.88 -0.06
CA SER A 48 26.26 -2.26 -1.15
C SER A 48 26.67 -1.06 -2.02
N LYS A 49 25.70 -0.24 -2.40
CA LYS A 49 25.99 0.83 -3.35
C LYS A 49 26.77 1.99 -2.74
N LYS A 50 26.78 2.15 -1.42
CA LYS A 50 27.44 3.30 -0.83
C LYS A 50 28.95 3.29 -1.06
N SER A 51 29.62 2.21 -0.66
CA SER A 51 31.06 2.12 -0.80
C SER A 51 31.51 1.28 -2.00
N ALA A 52 30.68 0.36 -2.47
CA ALA A 52 31.05 -0.61 -3.50
C ALA A 52 32.33 -1.34 -3.08
N ALA A 53 32.27 -1.87 -1.87
CA ALA A 53 33.37 -2.55 -1.21
C ALA A 53 32.75 -3.51 -0.21
N PRO A 54 33.52 -4.45 0.32
CA PRO A 54 33.00 -5.21 1.47
C PRO A 54 32.70 -4.21 2.58
N VAL A 55 31.56 -4.37 3.23
CA VAL A 55 31.03 -3.36 4.12
C VAL A 55 30.53 -4.01 5.41
N THR A 56 30.86 -3.39 6.54
CA THR A 56 30.34 -3.79 7.83
C THR A 56 29.46 -2.64 8.34
N TYR A 57 28.46 -2.99 9.12
CA TYR A 57 27.52 -2.01 9.65
C TYR A 57 27.28 -2.25 11.12
N ASP A 58 26.96 -1.17 11.82
CA ASP A 58 26.66 -1.21 13.24
C ASP A 58 25.15 -1.28 13.40
N VAL A 59 24.71 -1.63 14.61
CA VAL A 59 23.27 -1.71 14.86
C VAL A 59 22.63 -0.35 14.65
N SER A 60 23.35 0.73 14.98
CA SER A 60 22.82 2.07 14.77
C SER A 60 22.58 2.36 13.30
N GLN A 61 23.48 1.91 12.42
CA GLN A 61 23.30 2.11 10.99
C GLN A 61 22.09 1.33 10.48
N VAL A 62 21.86 0.14 11.03
CA VAL A 62 20.67 -0.66 10.70
C VAL A 62 19.41 0.12 11.02
N TYR A 63 19.36 0.70 12.22
CA TYR A 63 18.23 1.51 12.61
C TYR A 63 18.09 2.72 11.70
N GLU A 64 19.22 3.41 11.45
CA GLU A 64 19.20 4.65 10.67
C GLU A 64 18.58 4.43 9.29
N PHE A 65 18.81 3.27 8.69
CA PHE A 65 18.19 2.98 7.39
C PHE A 65 16.67 3.01 7.52
N LEU A 66 16.13 2.47 8.61
CA LEU A 66 14.68 2.47 8.81
C LEU A 66 14.16 3.86 9.13
N ASP A 67 14.93 4.69 9.85
CA ASP A 67 14.50 6.07 10.05
C ASP A 67 14.60 6.90 8.78
N LYS A 68 15.45 6.49 7.83
CA LYS A 68 15.57 7.23 6.58
C LYS A 68 14.30 7.11 5.74
N LEU A 69 13.56 6.02 5.89
CA LEU A 69 12.27 5.90 5.20
C LEU A 69 11.28 6.88 5.81
N SER A 70 10.53 7.57 4.94
CA SER A 70 9.54 8.52 5.42
C SER A 70 8.44 7.82 6.21
N ASP A 71 8.11 6.59 5.85
CA ASP A 71 7.11 5.83 6.58
C ASP A 71 7.35 4.35 6.31
N VAL A 72 7.27 3.54 7.37
CA VAL A 72 7.28 2.10 7.23
C VAL A 72 6.38 1.50 8.30
N SER A 73 5.51 0.58 7.91
CA SER A 73 4.59 -0.06 8.84
C SER A 73 4.22 -1.43 8.30
N MET A 74 3.66 -2.25 9.17
CA MET A 74 3.24 -3.60 8.85
C MET A 74 1.81 -3.83 9.32
N MET A 75 1.09 -4.63 8.55
CA MET A 75 -0.24 -5.10 8.92
C MET A 75 -0.20 -6.63 8.94
N ILE A 76 -0.33 -7.21 10.13
CA ILE A 76 -0.14 -8.65 10.33
C ILE A 76 -1.47 -9.28 10.64
N PHE A 77 -1.87 -10.27 9.84
CA PHE A 77 -3.12 -10.98 10.05
C PHE A 77 -3.06 -11.80 11.33
N ASN A 78 -4.08 -11.70 12.17
CA ASN A 78 -4.22 -12.52 13.38
C ASN A 78 -5.32 -13.54 13.13
N ARG A 79 -4.94 -14.82 13.08
CA ARG A 79 -5.92 -15.86 12.78
C ARG A 79 -7.03 -15.91 13.82
N GLU A 80 -6.69 -15.68 15.09
CA GLU A 80 -7.69 -15.76 16.17
C GLU A 80 -8.73 -14.65 16.03
N THR A 81 -8.29 -13.42 15.81
CA THR A 81 -9.21 -12.28 15.69
C THR A 81 -9.80 -12.17 14.30
N GLY A 82 -9.12 -12.70 13.29
CA GLY A 82 -9.53 -12.53 11.92
C GLY A 82 -9.25 -11.16 11.35
N GLN A 83 -8.47 -10.35 12.05
CA GLN A 83 -8.19 -8.98 11.65
C GLN A 83 -6.69 -8.77 11.60
N TYR A 84 -6.28 -7.60 11.11
CA TYR A 84 -4.88 -7.26 10.90
C TYR A 84 -4.42 -6.37 12.04
N ILE A 85 -3.27 -6.70 12.63
CA ILE A 85 -2.65 -5.86 13.65
C ILE A 85 -1.69 -4.90 12.97
N GLY A 86 -1.81 -3.62 13.28
CA GLY A 86 -0.89 -2.63 12.77
C GLY A 86 0.34 -2.54 13.66
N ARG A 87 1.52 -2.56 13.03
CA ARG A 87 2.78 -2.37 13.73
C ARG A 87 3.52 -1.23 13.05
N THR A 88 4.09 -0.34 13.85
CA THR A 88 4.75 0.84 13.31
C THR A 88 6.26 0.67 13.40
N ARG A 89 6.97 1.77 13.11
CA ARG A 89 8.41 1.69 12.87
C ARG A 89 9.15 1.17 14.09
N ALA A 90 8.78 1.63 15.29
CA ALA A 90 9.48 1.21 16.50
C ALA A 90 9.40 -0.30 16.70
N TRP A 91 8.21 -0.88 16.50
CA TRP A 91 8.08 -2.33 16.61
C TRP A 91 8.91 -3.04 15.55
N ILE A 92 8.92 -2.51 14.32
CA ILE A 92 9.67 -3.13 13.24
C ILE A 92 11.17 -3.08 13.52
N LYS A 93 11.66 -1.92 13.99
CA LYS A 93 13.07 -1.80 14.30
C LYS A 93 13.51 -2.83 15.33
N GLN A 94 12.71 -3.02 16.38
CA GLN A 94 13.05 -4.02 17.39
C GLN A 94 13.12 -5.42 16.79
N GLN A 95 12.10 -5.79 15.99
CA GLN A 95 12.06 -7.12 15.42
C GLN A 95 13.17 -7.34 14.41
N VAL A 96 13.49 -6.32 13.63
CA VAL A 96 14.57 -6.42 12.65
C VAL A 96 15.90 -6.64 13.37
N TYR A 97 16.13 -5.94 14.48
CA TYR A 97 17.34 -6.14 15.27
C TYR A 97 17.42 -7.56 15.81
N GLU A 98 16.32 -8.06 16.38
CA GLU A 98 16.32 -9.41 16.93
C GLU A 98 16.60 -10.45 15.86
N MET A 99 15.99 -10.28 14.67
CA MET A 99 16.27 -11.20 13.57
C MET A 99 17.74 -11.12 13.16
N MET A 100 18.30 -9.90 13.14
CA MET A 100 19.70 -9.73 12.79
C MET A 100 20.61 -10.42 13.79
N ARG A 101 20.32 -10.26 15.09
CA ARG A 101 21.14 -10.85 16.14
C ARG A 101 21.13 -12.38 16.07
N THR B 7 -17.40 8.31 14.54
CA THR B 7 -17.72 7.07 13.85
C THR B 7 -16.83 6.89 12.62
N SER B 8 -15.79 7.72 12.52
CA SER B 8 -14.84 7.63 11.43
C SER B 8 -13.68 6.72 11.82
N SER B 9 -13.29 5.84 10.90
CA SER B 9 -12.30 4.81 11.16
C SER B 9 -11.20 4.87 10.11
N HIS B 10 -9.95 4.87 10.59
CA HIS B 10 -8.79 4.90 9.72
C HIS B 10 -8.83 3.76 8.71
N THR B 11 -8.66 4.11 7.44
CA THR B 11 -8.76 3.16 6.34
C THR B 11 -7.50 3.23 5.49
N VAL B 12 -6.91 2.08 5.21
CA VAL B 12 -5.78 1.96 4.30
C VAL B 12 -6.31 1.37 2.99
N LEU B 13 -6.09 2.09 1.89
CA LEU B 13 -6.54 1.65 0.57
C LEU B 13 -5.35 1.07 -0.17
N LEU B 14 -5.43 -0.22 -0.51
CA LEU B 14 -4.37 -0.92 -1.23
C LEU B 14 -4.77 -1.09 -2.69
N ILE B 15 -3.90 -0.71 -3.61
CA ILE B 15 -4.20 -0.77 -5.04
C ILE B 15 -3.00 -1.31 -5.80
N GLN B 16 -3.26 -2.24 -6.71
CA GLN B 16 -2.29 -2.69 -7.71
C GLN B 16 -2.92 -2.42 -9.08
N THR B 17 -2.36 -1.45 -9.82
CA THR B 17 -3.01 -0.97 -11.03
C THR B 17 -2.77 -1.88 -12.23
N SER B 18 -1.63 -2.54 -12.30
CA SER B 18 -1.26 -3.40 -13.41
C SER B 18 -0.73 -4.72 -12.88
N PRO B 19 -0.60 -5.74 -13.75
CA PRO B 19 0.00 -7.00 -13.30
C PRO B 19 1.40 -6.86 -12.72
N ARG B 20 2.09 -5.76 -13.02
CA ARG B 20 3.43 -5.55 -12.48
C ARG B 20 3.40 -5.33 -10.98
N LEU B 21 4.34 -5.98 -10.28
CA LEU B 21 4.40 -5.84 -8.82
C LEU B 21 4.72 -4.41 -8.40
N ASP B 22 5.50 -3.68 -9.19
CA ASP B 22 5.87 -2.32 -8.86
C ASP B 22 4.75 -1.32 -9.11
N SER B 23 3.58 -1.78 -9.54
CA SER B 23 2.38 -0.95 -9.62
C SER B 23 1.57 -0.96 -8.34
N ARG B 24 2.08 -1.60 -7.28
CA ARG B 24 1.38 -1.66 -6.01
C ARG B 24 1.61 -0.37 -5.24
N THR B 25 0.53 0.37 -4.99
CA THR B 25 0.60 1.64 -4.28
C THR B 25 -0.53 1.68 -3.26
N TRP B 26 -0.46 2.67 -2.36
CA TRP B 26 -1.42 2.72 -1.27
C TRP B 26 -1.58 4.14 -0.77
N GLY B 27 -2.75 4.43 -0.22
CA GLY B 27 -2.98 5.64 0.53
C GLY B 27 -3.89 5.34 1.72
N ASP B 28 -3.87 6.24 2.70
CA ASP B 28 -4.69 6.06 3.87
C ASP B 28 -5.61 7.26 4.06
N TYR B 29 -6.77 7.02 4.67
CA TYR B 29 -7.82 8.02 4.76
C TYR B 29 -8.39 8.05 6.18
N GLU B 30 -9.03 9.18 6.50
CA GLU B 30 -9.60 9.36 7.84
C GLU B 30 -10.83 8.49 8.05
N SER B 31 -11.52 8.09 6.98
CA SER B 31 -12.74 7.31 7.10
C SER B 31 -12.87 6.41 5.88
N VAL B 32 -13.69 5.37 6.04
CA VAL B 32 -13.99 4.50 4.90
C VAL B 32 -14.68 5.30 3.80
N THR B 33 -15.54 6.23 4.19
CA THR B 33 -16.25 7.06 3.21
C THR B 33 -15.27 7.85 2.36
N ASP B 34 -14.21 8.37 2.97
CA ASP B 34 -13.19 9.09 2.21
C ASP B 34 -12.51 8.16 1.21
N ALA B 35 -12.18 6.94 1.63
CA ALA B 35 -11.53 5.99 0.74
C ALA B 35 -12.44 5.61 -0.42
N LEU B 36 -13.73 5.39 -0.14
CA LEU B 36 -14.68 5.10 -1.22
C LEU B 36 -14.80 6.28 -2.16
N ASP B 37 -14.86 7.50 -1.61
CA ASP B 37 -14.95 8.69 -2.45
C ASP B 37 -13.72 8.83 -3.34
N ALA B 38 -12.54 8.48 -2.82
CA ALA B 38 -11.32 8.56 -3.61
C ALA B 38 -11.40 7.65 -4.83
N LEU B 39 -11.91 6.43 -4.64
CA LEU B 39 -12.04 5.50 -5.76
C LEU B 39 -12.99 6.04 -6.83
N CYS B 40 -14.09 6.67 -6.41
CA CYS B 40 -15.00 7.28 -7.38
C CYS B 40 -14.33 8.42 -8.13
N LYS B 41 -13.56 9.25 -7.41
CA LYS B 41 -12.80 10.31 -8.06
C LYS B 41 -11.82 9.74 -9.09
N MET B 42 -11.23 8.59 -8.79
CA MET B 42 -10.33 7.94 -9.74
C MET B 42 -11.05 7.59 -11.03
N PHE B 43 -12.25 7.02 -10.91
CA PHE B 43 -13.05 6.71 -12.10
C PHE B 43 -13.43 7.98 -12.86
N GLU B 44 -13.82 9.03 -12.13
CA GLU B 44 -14.19 10.27 -12.79
C GLU B 44 -13.01 10.88 -13.54
N ASP B 45 -11.82 10.80 -12.96
CA ASP B 45 -10.63 11.24 -13.67
C ASP B 45 -10.40 10.39 -14.91
N PHE B 46 -10.55 9.07 -14.78
CA PHE B 46 -10.38 8.18 -15.92
C PHE B 46 -11.46 8.43 -16.97
N LEU B 47 -12.70 8.65 -16.53
CA LEU B 47 -13.79 8.93 -17.47
C LEU B 47 -13.56 10.24 -18.21
N SER B 48 -12.98 11.24 -17.55
CA SER B 48 -12.71 12.52 -18.18
C SER B 48 -11.83 12.35 -19.41
N LYS B 49 -10.87 11.42 -19.34
CA LYS B 49 -9.93 11.25 -20.44
C LYS B 49 -10.60 10.69 -21.69
N LYS B 50 -11.76 10.05 -21.54
CA LYS B 50 -12.47 9.53 -22.69
C LYS B 50 -12.97 10.67 -23.57
N SER B 51 -12.82 10.50 -24.87
CA SER B 51 -13.26 11.50 -25.84
C SER B 51 -14.62 11.10 -26.38
N ALA B 52 -15.50 12.08 -26.56
CA ALA B 52 -16.84 11.84 -27.08
C ALA B 52 -17.64 10.82 -26.26
N ALA B 53 -18.17 11.23 -25.12
CA ALA B 53 -18.92 10.34 -24.26
C ALA B 53 -20.11 11.07 -23.66
N PRO B 54 -21.13 10.33 -23.23
CA PRO B 54 -22.28 10.95 -22.53
C PRO B 54 -21.89 11.59 -21.21
N VAL B 55 -22.59 12.68 -20.88
CA VAL B 55 -22.28 13.44 -19.66
C VAL B 55 -22.73 12.74 -18.40
N THR B 56 -23.41 11.59 -18.51
CA THR B 56 -23.83 10.80 -17.36
C THR B 56 -23.12 9.46 -17.36
N TYR B 57 -22.92 8.90 -16.18
CA TYR B 57 -22.30 7.59 -16.04
C TYR B 57 -23.09 6.75 -15.05
N ASP B 58 -23.10 5.45 -15.30
CA ASP B 58 -23.84 4.47 -14.49
C ASP B 58 -22.89 3.77 -13.52
N VAL B 59 -23.48 3.13 -12.51
CA VAL B 59 -22.68 2.38 -11.54
C VAL B 59 -21.92 1.24 -12.20
N SER B 60 -22.49 0.67 -13.28
CA SER B 60 -21.84 -0.42 -13.98
C SER B 60 -20.46 0.00 -14.51
N GLN B 61 -20.34 1.24 -14.98
CA GLN B 61 -19.04 1.73 -15.44
C GLN B 61 -18.06 1.85 -14.28
N VAL B 62 -18.53 2.26 -13.11
CA VAL B 62 -17.67 2.29 -11.94
C VAL B 62 -17.16 0.89 -11.62
N TYR B 63 -18.04 -0.12 -11.71
CA TYR B 63 -17.62 -1.50 -11.51
C TYR B 63 -16.53 -1.88 -12.50
N GLU B 64 -16.73 -1.55 -13.78
CA GLU B 64 -15.77 -1.93 -14.82
C GLU B 64 -14.40 -1.32 -14.56
N PHE B 65 -14.36 -0.07 -14.08
CA PHE B 65 -13.10 0.57 -13.73
C PHE B 65 -12.38 -0.19 -12.62
N LEU B 66 -13.13 -0.64 -11.61
CA LEU B 66 -12.51 -1.37 -10.51
C LEU B 66 -12.04 -2.75 -10.96
N ASP B 67 -12.72 -3.36 -11.92
CA ASP B 67 -12.26 -4.64 -12.48
C ASP B 67 -10.99 -4.49 -13.30
N LYS B 68 -10.69 -3.29 -13.81
CA LYS B 68 -9.45 -3.08 -14.53
C LYS B 68 -8.25 -3.13 -13.61
N LEU B 69 -8.43 -2.80 -12.32
CA LEU B 69 -7.34 -2.89 -11.37
C LEU B 69 -6.98 -4.35 -11.10
N SER B 70 -5.69 -4.64 -11.07
CA SER B 70 -5.24 -5.99 -10.78
C SER B 70 -5.61 -6.40 -9.36
N ASP B 71 -5.62 -5.44 -8.43
CA ASP B 71 -5.99 -5.72 -7.05
C ASP B 71 -6.42 -4.41 -6.40
N VAL B 72 -7.50 -4.46 -5.63
CA VAL B 72 -7.94 -3.34 -4.80
C VAL B 72 -8.56 -3.91 -3.53
N SER B 73 -8.15 -3.37 -2.38
CA SER B 73 -8.66 -3.83 -1.10
C SER B 73 -8.52 -2.73 -0.07
N MET B 74 -9.24 -2.89 1.04
CA MET B 74 -9.20 -1.91 2.13
C MET B 74 -8.96 -2.62 3.45
N MET B 75 -8.27 -1.93 4.34
CA MET B 75 -8.09 -2.33 5.73
C MET B 75 -8.64 -1.21 6.61
N ILE B 76 -9.74 -1.51 7.30
CA ILE B 76 -10.53 -0.52 8.02
C ILE B 76 -10.36 -0.75 9.53
N PHE B 77 -9.94 0.30 10.23
CA PHE B 77 -9.74 0.21 11.67
C PHE B 77 -11.06 -0.06 12.38
N ASN B 78 -11.05 -1.04 13.27
CA ASN B 78 -12.21 -1.37 14.10
C ASN B 78 -11.95 -0.82 15.49
N ARG B 79 -12.73 0.20 15.90
CA ARG B 79 -12.52 0.86 17.18
C ARG B 79 -12.67 -0.10 18.35
N GLU B 80 -13.52 -1.11 18.21
CA GLU B 80 -13.75 -2.06 19.30
C GLU B 80 -12.52 -2.93 19.57
N THR B 81 -11.97 -3.55 18.53
CA THR B 81 -10.84 -4.46 18.66
C THR B 81 -9.48 -3.76 18.61
N GLY B 82 -9.40 -2.56 18.05
CA GLY B 82 -8.11 -1.95 17.82
C GLY B 82 -7.36 -2.53 16.65
N GLN B 83 -8.02 -3.32 15.82
CA GLN B 83 -7.40 -4.00 14.69
C GLN B 83 -8.14 -3.63 13.40
N TYR B 84 -7.56 -4.02 12.27
CA TYR B 84 -8.07 -3.64 10.96
C TYR B 84 -8.80 -4.81 10.32
N ILE B 85 -10.01 -4.54 9.83
CA ILE B 85 -10.79 -5.52 9.07
C ILE B 85 -10.46 -5.37 7.59
N GLY B 86 -10.14 -6.48 6.94
CA GLY B 86 -9.87 -6.48 5.51
C GLY B 86 -11.15 -6.61 4.70
N ARG B 87 -11.26 -5.78 3.66
CA ARG B 87 -12.36 -5.83 2.71
C ARG B 87 -11.81 -5.93 1.29
N THR B 88 -12.43 -6.78 0.47
CA THR B 88 -11.98 -7.01 -0.90
C THR B 88 -12.94 -6.35 -1.90
N ARG B 89 -12.71 -6.63 -3.18
CA ARG B 89 -13.30 -5.83 -4.25
C ARG B 89 -14.83 -5.88 -4.27
N ALA B 90 -15.40 -7.08 -4.10
CA ALA B 90 -16.86 -7.19 -4.15
C ALA B 90 -17.52 -6.34 -3.06
N TRP B 91 -16.98 -6.37 -1.85
CA TRP B 91 -17.52 -5.53 -0.78
C TRP B 91 -17.37 -4.05 -1.12
N ILE B 92 -16.24 -3.69 -1.74
CA ILE B 92 -16.01 -2.29 -2.11
C ILE B 92 -17.02 -1.86 -3.17
N LYS B 93 -17.29 -2.72 -4.16
CA LYS B 93 -18.28 -2.39 -5.18
C LYS B 93 -19.64 -2.10 -4.56
N GLN B 94 -20.07 -2.97 -3.62
CA GLN B 94 -21.36 -2.76 -2.97
C GLN B 94 -21.41 -1.43 -2.24
N GLN B 95 -20.34 -1.10 -1.51
CA GLN B 95 -20.33 0.14 -0.74
C GLN B 95 -20.33 1.36 -1.67
N VAL B 96 -19.63 1.27 -2.80
CA VAL B 96 -19.66 2.36 -3.77
C VAL B 96 -21.07 2.52 -4.34
N TYR B 97 -21.72 1.40 -4.64
CA TYR B 97 -23.10 1.44 -5.14
C TYR B 97 -24.02 2.13 -4.14
N GLU B 98 -23.91 1.77 -2.86
CA GLU B 98 -24.76 2.37 -1.84
C GLU B 98 -24.50 3.86 -1.70
N MET B 99 -23.23 4.26 -1.76
CA MET B 99 -22.88 5.67 -1.65
C MET B 99 -23.42 6.48 -2.83
N MET B 100 -23.28 5.96 -4.04
CA MET B 100 -23.77 6.67 -5.22
C MET B 100 -25.30 6.77 -5.21
N ARG B 101 -25.98 5.66 -4.87
CA ARG B 101 -27.44 5.68 -4.84
C ARG B 101 -27.97 6.66 -3.82
N GLY B 102 -27.23 6.88 -2.73
CA GLY B 102 -27.60 7.86 -1.73
C GLY B 102 -27.18 9.27 -2.02
N ARG B 103 -26.44 9.50 -3.10
CA ARG B 103 -25.98 10.84 -3.46
C ARG B 103 -26.71 11.37 -4.69
N PHE C 13 -7.02 3.45 -24.52
CA PHE C 13 -6.45 3.57 -23.17
C PHE C 13 -5.58 2.35 -22.87
N ASN C 14 -4.84 2.40 -21.76
CA ASN C 14 -3.97 1.30 -21.37
C ASN C 14 -3.81 1.34 -19.85
N SER C 15 -2.84 0.56 -19.36
CA SER C 15 -2.59 0.49 -17.91
C SER C 15 -1.99 1.78 -17.38
N GLU C 16 -1.17 2.47 -18.17
CA GLU C 16 -0.59 3.73 -17.72
C GLU C 16 -1.69 4.77 -17.50
N ASP C 17 -2.72 4.77 -18.34
CA ASP C 17 -3.86 5.67 -18.13
C ASP C 17 -4.55 5.35 -16.82
N ILE C 18 -4.68 4.05 -16.51
CA ILE C 18 -5.28 3.62 -15.24
C ILE C 18 -4.41 4.09 -14.08
N LYS C 19 -3.10 3.87 -14.18
CA LYS C 19 -2.18 4.27 -13.12
C LYS C 19 -2.19 5.78 -12.93
N ASP C 20 -2.19 6.53 -14.03
CA ASP C 20 -2.21 7.99 -13.93
C ASP C 20 -3.43 8.48 -13.17
N SER C 21 -4.61 7.91 -13.46
CA SER C 21 -5.83 8.31 -12.76
C SER C 21 -5.75 7.94 -11.28
N VAL C 22 -5.24 6.74 -10.96
CA VAL C 22 -5.13 6.33 -9.57
C VAL C 22 -4.15 7.23 -8.84
N PHE C 23 -2.99 7.47 -9.44
CA PHE C 23 -1.96 8.27 -8.77
C PHE C 23 -2.41 9.72 -8.58
N LYS C 24 -3.13 10.27 -9.57
CA LYS C 24 -3.59 11.66 -9.48
C LYS C 24 -4.44 11.87 -8.23
N VAL C 25 -5.42 11.00 -8.00
CA VAL C 25 -6.31 11.16 -6.85
C VAL C 25 -5.67 10.67 -5.56
N LEU C 26 -5.01 9.50 -5.60
CA LEU C 26 -4.51 8.89 -4.38
C LEU C 26 -3.40 9.71 -3.75
N HIS C 27 -2.48 10.23 -4.56
CA HIS C 27 -1.28 10.90 -4.07
C HIS C 27 -1.34 12.41 -4.26
N ALA C 28 -2.54 12.98 -4.30
CA ALA C 28 -2.69 14.43 -4.40
C ALA C 28 -2.26 15.09 -3.11
N GLU C 29 -1.60 16.24 -3.23
CA GLU C 29 -1.08 17.03 -2.11
C GLU C 29 -1.94 16.99 -0.85
N SER D 15 17.29 9.90 -2.05
CA SER D 15 16.00 9.21 -2.02
C SER D 15 15.90 8.15 -3.12
N GLU D 16 16.53 8.44 -4.26
CA GLU D 16 16.52 7.49 -5.37
C GLU D 16 17.25 6.21 -5.02
N ASP D 17 18.36 6.32 -4.28
CA ASP D 17 19.09 5.11 -3.88
C ASP D 17 18.26 4.24 -2.95
N ILE D 18 17.54 4.85 -2.01
CA ILE D 18 16.68 4.09 -1.12
C ILE D 18 15.56 3.42 -1.91
N LYS D 19 14.93 4.17 -2.82
CA LYS D 19 13.83 3.62 -3.61
C LYS D 19 14.27 2.42 -4.43
N ASP D 20 15.46 2.51 -5.05
CA ASP D 20 15.98 1.39 -5.85
C ASP D 20 16.13 0.13 -5.01
N SER D 21 16.68 0.26 -3.80
CA SER D 21 16.86 -0.90 -2.93
C SER D 21 15.52 -1.47 -2.49
N VAL D 22 14.57 -0.60 -2.14
CA VAL D 22 13.26 -1.07 -1.70
C VAL D 22 12.54 -1.79 -2.85
N PHE D 23 12.54 -1.18 -4.03
CA PHE D 23 11.80 -1.75 -5.16
C PHE D 23 12.38 -3.10 -5.59
N LYS D 24 13.71 -3.23 -5.55
CA LYS D 24 14.36 -4.47 -5.97
C LYS D 24 13.85 -5.67 -5.15
N VAL D 25 13.84 -5.53 -3.83
CA VAL D 25 13.42 -6.64 -2.97
C VAL D 25 11.90 -6.75 -2.92
N LEU D 26 11.20 -5.63 -2.80
CA LEU D 26 9.76 -5.68 -2.58
C LEU D 26 9.04 -6.25 -3.79
N HIS D 27 9.45 -5.85 -5.00
CA HIS D 27 8.75 -6.20 -6.23
C HIS D 27 9.52 -7.24 -7.05
N ALA D 28 10.34 -8.05 -6.40
CA ALA D 28 11.05 -9.11 -7.10
C ALA D 28 10.10 -10.21 -7.54
N GLU D 29 10.32 -10.74 -8.74
CA GLU D 29 9.47 -11.79 -9.29
C GLU D 29 10.30 -12.85 -9.99
C FMT E . -3.89 10.08 1.25
O1 FMT E . -4.11 9.22 0.39
O2 FMT E . -3.25 9.87 2.28
#